data_5DEA
#
_entry.id   5DEA
#
_cell.length_a   56.570
_cell.length_b   129.870
_cell.length_c   36.790
_cell.angle_alpha   90.00
_cell.angle_beta   90.00
_cell.angle_gamma   90.00
#
_symmetry.space_group_name_H-M   'P 21 21 2'
#
loop_
_entity.id
_entity.type
_entity.pdbx_description
1 polymer sc1
2 polymer 'Fragile X mental retardation protein 1'
3 non-polymer 'POTASSIUM ION'
4 non-polymer 'CESIUM ION'
5 water water
#
loop_
_entity_poly.entity_id
_entity_poly.type
_entity_poly.pdbx_seq_one_letter_code
_entity_poly.pdbx_strand_id
1 'polyribonucleotide' GCUGCGGUGUGGAAGGAGUGGCUGGGUUGCGCAGC A,C
2 'polypeptide(L)' ARGDGRRRGGGGRGQGGR B,D
#
# COMPACT_ATOMS: atom_id res chain seq x y z
N GLY B 3 -0.39 -0.10 3.07
CA GLY B 3 0.38 0.63 2.07
C GLY B 3 1.29 1.70 2.66
N ASP B 4 2.23 1.27 3.49
CA ASP B 4 3.08 2.22 4.20
C ASP B 4 4.41 2.50 3.49
N GLY B 5 4.36 2.74 2.19
CA GLY B 5 5.55 2.99 1.42
C GLY B 5 5.57 4.35 0.78
N ARG B 6 5.94 4.37 -0.50
CA ARG B 6 6.02 5.58 -1.32
C ARG B 6 4.61 6.17 -1.45
N ARG B 7 4.35 7.31 -0.84
CA ARG B 7 2.99 7.86 -0.82
C ARG B 7 2.61 8.53 -2.14
N ARG B 8 3.60 8.75 -3.01
CA ARG B 8 3.42 9.57 -4.19
C ARG B 8 4.56 9.35 -5.19
N GLY B 9 4.24 9.34 -6.48
CA GLY B 9 5.25 9.01 -7.47
C GLY B 9 5.46 10.00 -8.59
N GLY B 10 6.41 9.67 -9.46
CA GLY B 10 6.77 10.49 -10.60
C GLY B 10 8.03 11.28 -10.31
N GLY B 11 9.07 11.03 -11.09
CA GLY B 11 10.37 11.64 -10.88
C GLY B 11 10.87 11.36 -9.48
N GLY B 12 11.29 12.42 -8.78
CA GLY B 12 11.81 12.26 -7.44
C GLY B 12 10.79 12.67 -6.38
N ARG B 13 9.50 12.67 -6.73
CA ARG B 13 8.49 13.05 -5.75
C ARG B 13 8.33 11.98 -4.70
N GLY B 14 8.13 12.41 -3.45
CA GLY B 14 7.76 11.47 -2.40
C GLY B 14 8.99 10.68 -2.12
N GLN B 15 10.12 11.31 -1.80
CA GLN B 15 11.21 10.45 -1.35
C GLN B 15 11.66 10.99 0.00
N GLY B 16 12.04 10.13 0.92
CA GLY B 16 12.40 10.63 2.24
C GLY B 16 11.26 11.19 3.07
N GLY D 3 -1.98 2.52 -0.87
CA GLY D 3 -2.36 1.21 -0.39
C GLY D 3 -3.87 0.99 -0.25
N ASP D 4 -4.59 1.07 -1.37
CA ASP D 4 -6.04 0.97 -1.34
C ASP D 4 -6.52 -0.45 -1.60
N GLY D 5 -5.81 -1.43 -1.05
CA GLY D 5 -6.13 -2.83 -1.26
C GLY D 5 -6.30 -3.64 0.00
N ARG D 6 -5.82 -4.88 -0.07
CA ARG D 6 -5.92 -5.83 1.03
C ARG D 6 -5.20 -5.37 2.31
N ARG D 7 -5.98 -5.03 3.34
CA ARG D 7 -5.46 -4.47 4.58
C ARG D 7 -4.83 -5.53 5.50
N ARG D 8 -5.08 -6.80 5.18
CA ARG D 8 -4.74 -7.86 6.10
C ARG D 8 -4.73 -9.23 5.40
N GLY D 9 -3.76 -10.06 5.74
CA GLY D 9 -3.58 -11.32 5.04
C GLY D 9 -3.55 -12.56 5.90
N GLY D 10 -3.35 -13.69 5.24
CA GLY D 10 -3.29 -14.99 5.89
C GLY D 10 -4.62 -15.68 5.68
N GLY D 11 -4.57 -16.82 4.98
CA GLY D 11 -5.77 -17.53 4.60
C GLY D 11 -6.69 -16.62 3.82
N GLY D 12 -7.96 -16.57 4.22
CA GLY D 12 -8.95 -15.74 3.57
C GLY D 12 -9.29 -14.46 4.30
N ARG D 13 -8.39 -14.01 5.17
CA ARG D 13 -8.60 -12.79 5.93
C ARG D 13 -8.49 -11.59 5.01
N GLY D 14 -9.33 -10.59 5.25
CA GLY D 14 -9.24 -9.29 4.64
C GLY D 14 -9.64 -9.38 3.18
N GLN D 15 -10.85 -9.88 2.89
CA GLN D 15 -11.32 -9.90 1.51
C GLN D 15 -12.63 -9.18 1.45
N GLY D 16 -12.82 -8.18 2.31
CA GLY D 16 -14.08 -7.48 2.38
C GLY D 16 -14.42 -6.64 1.14
#